data_7LYF
#
_entry.id   7LYF
#
_cell.length_a   30.924
_cell.length_b   137.558
_cell.length_c   336.877
_cell.angle_alpha   90.000
_cell.angle_beta   90.000
_cell.angle_gamma   90.000
#
_symmetry.space_group_name_H-M   'I 2 2 2'
#
loop_
_entity.id
_entity.type
_entity.pdbx_description
1 polymer 'RNA promoter stem-loop A fused with tRNA'
2 non-polymer 'MAGNESIUM ION'
3 water water
#
_entity_poly.entity_id   1
_entity_poly.type   'polyribonucleotide'
_entity_poly.pdbx_seq_one_letter_code
;GCCCGGAUAGCUCAGUCGGUAGAGCAGCGGAGCUGUUAGUCUACGUGGACCGACAAAGACAGAUUCUUUGAGGGAGCUAA
GCUCAACGUAGUUCUAACAGCUCCGCGGGUCCAGGGUUCAAGUCCCUGUUCGGGCGCCA
;
_entity_poly.pdbx_strand_id   A
#
loop_
_chem_comp.id
_chem_comp.type
_chem_comp.name
_chem_comp.formula
A RNA linking ADENOSINE-5'-MONOPHOSPHATE 'C10 H14 N5 O7 P'
C RNA linking CYTIDINE-5'-MONOPHOSPHATE 'C9 H14 N3 O8 P'
G RNA linking GUANOSINE-5'-MONOPHOSPHATE 'C10 H14 N5 O8 P'
MG non-polymer 'MAGNESIUM ION' 'Mg 2'
U RNA linking URIDINE-5'-MONOPHOSPHATE 'C9 H13 N2 O9 P'
#
# COMPACT_ATOMS: atom_id res chain seq x y z
MG MG B . 0.00 0.00 0.00
#